data_7GA1
#
_entry.id   7GA1
#
_cell.length_a   54.115
_cell.length_b   70.072
_cell.length_c   57.228
_cell.angle_alpha   90.000
_cell.angle_beta   92.520
_cell.angle_gamma   90.000
#
_symmetry.space_group_name_H-M   'P 1 21 1'
#
loop_
_entity.id
_entity.type
_entity.pdbx_description
1 polymer 'Serine protease NS3'
2 non-polymer 1,2-ETHANEDIOL
3 non-polymer 'PHOSPHATE ION'
4 non-polymer '(1S,2R)-2-(thiophen-3-yl)cyclopentane-1-carboxylic acid'
5 water water
#
_entity_poly.entity_id   1
_entity_poly.type   'polypeptide(L)'
_entity_poly.pdbx_seq_one_letter_code
;MLKKKQLTVLDLHPGAGKTRRVLPEIVREAIKKRLRTVILAPTRVVAAEMEEALRGLPVRYMTTAVNVTHSGTEIVDLMC
HATFTSRLLQPIRVPNYNLNIMDEAHFTDPSSIAARGYISTRVEMGEAAAIFMTATPPGTRDAFPDSNSPIMDTEVEVPE
RAWSSGFDWVTDHSGKTVWFVPSVRNGNEIAACLTKAGKRVIQLSRKTFETEFQKTKNQEWDFVITTDISEMGANFKADR
VIDSRRCLKPVILDGERVILAGPMPVTHASAAQRRGRIGRNPNKPGDEYMYGGGCAETDEGHAHWLEARMLLDNIYLQDG
LIASLYRPEADKVAAIEGEFKLRTEQRKTFVELMKRGDLPVWLAYQVASAGITYTDRRWCFDGTTNNTIMEDSVPAEVWT
KYGEKRVLKPRWMDARVCSDHAALKSFKEFAAGKR
;
_entity_poly.pdbx_strand_id   A
#
loop_
_chem_comp.id
_chem_comp.type
_chem_comp.name
_chem_comp.formula
EDO non-polymer 1,2-ETHANEDIOL 'C2 H6 O2'
PO4 non-polymer 'PHOSPHATE ION' 'O4 P -3'
ZVH non-polymer '(1S,2R)-2-(thiophen-3-yl)cyclopentane-1-carboxylic acid' 'C10 H12 O2 S'
#
# COMPACT_ATOMS: atom_id res chain seq x y z
N MET A 1 16.06 -6.45 -22.06
CA MET A 1 15.21 -6.79 -20.91
C MET A 1 13.98 -7.60 -21.33
N LEU A 2 13.43 -7.29 -22.51
CA LEU A 2 12.20 -7.86 -23.05
C LEU A 2 12.29 -9.36 -23.37
N LYS A 3 13.52 -9.91 -23.49
CA LYS A 3 13.72 -11.34 -23.75
C LYS A 3 13.14 -12.15 -22.60
N LYS A 4 12.44 -13.25 -22.91
CA LYS A 4 11.85 -14.13 -21.90
C LYS A 4 12.92 -14.65 -20.89
N LYS A 5 12.47 -15.26 -19.77
CA LYS A 5 13.31 -15.82 -18.72
C LYS A 5 14.24 -14.77 -18.07
N GLN A 6 13.76 -13.54 -17.91
CA GLN A 6 14.55 -12.49 -17.29
C GLN A 6 13.75 -11.49 -16.48
N LEU A 7 14.13 -11.32 -15.22
CA LEU A 7 13.53 -10.34 -14.32
C LEU A 7 14.56 -9.26 -14.15
N THR A 8 14.25 -8.05 -14.61
CA THR A 8 15.15 -6.91 -14.51
C THR A 8 14.68 -5.99 -13.41
N VAL A 9 15.59 -5.58 -12.51
CA VAL A 9 15.27 -4.64 -11.46
C VAL A 9 15.83 -3.32 -11.91
N LEU A 10 14.96 -2.37 -12.21
CA LEU A 10 15.32 -1.03 -12.66
C LEU A 10 15.54 -0.21 -11.41
N ASP A 11 16.70 -0.38 -10.76
CA ASP A 11 16.99 0.29 -9.50
C ASP A 11 17.56 1.70 -9.67
N LEU A 12 16.92 2.53 -10.49
CA LEU A 12 17.36 3.91 -10.64
C LEU A 12 16.89 4.71 -9.43
N HIS A 13 17.75 5.60 -8.88
CA HIS A 13 17.46 6.45 -7.72
C HIS A 13 16.17 7.29 -7.88
N PRO A 14 15.55 7.78 -6.78
CA PRO A 14 14.32 8.57 -6.92
C PRO A 14 14.41 9.80 -7.84
N GLY A 15 13.47 9.89 -8.77
CA GLY A 15 13.41 11.00 -9.71
C GLY A 15 14.27 10.84 -10.94
N ALA A 16 14.74 9.62 -11.23
CA ALA A 16 15.56 9.37 -12.41
C ALA A 16 14.77 9.40 -13.73
N GLY A 17 13.46 9.17 -13.67
CA GLY A 17 12.58 9.22 -14.83
C GLY A 17 12.06 7.87 -15.28
N LYS A 18 11.85 6.94 -14.34
CA LYS A 18 11.36 5.58 -14.62
C LYS A 18 9.90 5.51 -15.11
N THR A 19 9.19 6.65 -15.17
CA THR A 19 7.80 6.66 -15.64
C THR A 19 7.65 7.58 -16.86
N ARG A 20 8.30 8.75 -16.85
CA ARG A 20 8.18 9.69 -17.98
C ARG A 20 9.14 9.39 -19.13
N ARG A 21 10.35 8.90 -18.83
CA ARG A 21 11.32 8.60 -19.88
C ARG A 21 11.47 7.10 -20.18
N VAL A 22 11.74 6.29 -19.15
CA VAL A 22 11.98 4.86 -19.31
C VAL A 22 10.71 4.05 -19.69
N LEU A 23 9.59 4.23 -18.98
CA LEU A 23 8.36 3.46 -19.27
C LEU A 23 7.89 3.58 -20.74
N PRO A 24 7.85 4.78 -21.38
CA PRO A 24 7.38 4.83 -22.78
C PRO A 24 8.30 4.11 -23.77
N GLU A 25 9.61 4.10 -23.52
CA GLU A 25 10.55 3.37 -24.37
C GLU A 25 10.27 1.86 -24.34
N ILE A 26 10.02 1.30 -23.12
CA ILE A 26 9.72 -0.11 -22.89
C ILE A 26 8.41 -0.51 -23.58
N VAL A 27 7.39 0.35 -23.47
CA VAL A 27 6.09 0.13 -24.10
C VAL A 27 6.20 0.14 -25.62
N ARG A 28 7.00 1.07 -26.19
CA ARG A 28 7.20 1.12 -27.63
C ARG A 28 7.84 -0.17 -28.14
N GLU A 29 8.91 -0.63 -27.49
CA GLU A 29 9.58 -1.86 -27.88
C GLU A 29 8.69 -3.10 -27.73
N ALA A 30 7.87 -3.16 -26.68
CA ALA A 30 6.96 -4.30 -26.46
C ALA A 30 5.87 -4.36 -27.52
N ILE A 31 5.33 -3.20 -27.88
CA ILE A 31 4.32 -3.07 -28.92
C ILE A 31 4.92 -3.51 -30.28
N LYS A 32 6.19 -3.11 -30.55
CA LYS A 32 6.96 -3.49 -31.75
C LYS A 32 7.21 -4.99 -31.82
N LYS A 33 7.49 -5.64 -30.66
CA LYS A 33 7.75 -7.08 -30.64
C LYS A 33 6.51 -7.95 -30.51
N ARG A 34 5.31 -7.33 -30.44
CA ARG A 34 4.03 -8.01 -30.25
C ARG A 34 3.98 -8.78 -28.94
N LEU A 35 4.53 -8.17 -27.90
CA LEU A 35 4.56 -8.76 -26.57
C LEU A 35 3.31 -8.30 -25.84
N ARG A 36 2.53 -9.24 -25.31
CA ARG A 36 1.36 -8.92 -24.50
C ARG A 36 1.91 -8.39 -23.17
N THR A 37 1.60 -7.12 -22.83
CA THR A 37 2.19 -6.44 -21.69
C THR A 37 1.17 -5.95 -20.65
N VAL A 38 1.54 -6.06 -19.36
CA VAL A 38 0.75 -5.49 -18.27
C VAL A 38 1.66 -4.46 -17.57
N ILE A 39 1.12 -3.29 -17.27
CA ILE A 39 1.80 -2.23 -16.51
C ILE A 39 1.02 -2.12 -15.21
N LEU A 40 1.71 -2.29 -14.08
CA LEU A 40 1.10 -2.29 -12.77
C LEU A 40 1.45 -1.04 -11.98
N ALA A 41 0.44 -0.20 -11.69
CA ALA A 41 0.57 1.06 -10.94
C ALA A 41 0.23 0.87 -9.46
N PRO A 42 0.99 1.43 -8.51
CA PRO A 42 0.67 1.22 -7.08
C PRO A 42 -0.69 1.80 -6.69
N THR A 43 -1.03 2.96 -7.25
CA THR A 43 -2.24 3.70 -6.96
C THR A 43 -2.90 4.23 -8.27
N ARG A 44 -4.13 4.75 -8.15
CA ARG A 44 -4.85 5.34 -9.27
CA ARG A 44 -4.84 5.33 -9.29
C ARG A 44 -4.25 6.70 -9.65
N VAL A 45 -3.60 7.39 -8.69
CA VAL A 45 -2.94 8.68 -8.93
C VAL A 45 -1.73 8.46 -9.87
N VAL A 46 -0.97 7.36 -9.63
CA VAL A 46 0.17 6.97 -10.46
C VAL A 46 -0.29 6.49 -11.84
N ALA A 47 -1.45 5.82 -11.92
CA ALA A 47 -2.03 5.36 -13.18
C ALA A 47 -2.44 6.56 -14.06
N ALA A 48 -2.92 7.65 -13.44
CA ALA A 48 -3.28 8.87 -14.16
C ALA A 48 -2.03 9.55 -14.71
N GLU A 49 -0.93 9.53 -13.97
CA GLU A 49 0.34 10.10 -14.46
C GLU A 49 0.86 9.28 -15.65
N MET A 50 0.73 7.96 -15.57
CA MET A 50 1.15 7.07 -16.63
C MET A 50 0.39 7.30 -17.91
N GLU A 51 -0.92 7.64 -17.83
CA GLU A 51 -1.71 7.91 -19.04
C GLU A 51 -1.14 9.11 -19.77
N GLU A 52 -0.78 10.16 -19.03
CA GLU A 52 -0.20 11.37 -19.56
C GLU A 52 1.13 11.07 -20.26
N ALA A 53 2.00 10.26 -19.65
CA ALA A 53 3.30 9.94 -20.23
C ALA A 53 3.21 8.95 -21.38
N LEU A 54 2.19 8.11 -21.42
CA LEU A 54 2.02 7.13 -22.50
C LEU A 54 0.98 7.58 -23.54
N ARG A 55 0.60 8.86 -23.53
CA ARG A 55 -0.43 9.40 -24.43
C ARG A 55 -0.07 9.19 -25.89
N GLY A 56 -1.04 8.72 -26.67
CA GLY A 56 -0.86 8.42 -28.08
C GLY A 56 -0.65 6.95 -28.33
N LEU A 57 0.11 6.31 -27.43
CA LEU A 57 0.44 4.89 -27.47
C LEU A 57 -0.80 4.06 -27.23
N PRO A 58 -0.91 2.90 -27.90
CA PRO A 58 -2.09 2.06 -27.72
C PRO A 58 -2.06 1.25 -26.41
N VAL A 59 -2.65 1.80 -25.36
CA VAL A 59 -2.72 1.17 -24.04
C VAL A 59 -4.16 1.10 -23.55
N ARG A 60 -4.61 -0.09 -23.12
CA ARG A 60 -5.94 -0.31 -22.57
C ARG A 60 -5.88 -0.03 -21.07
N TYR A 61 -6.57 1.02 -20.62
CA TYR A 61 -6.57 1.38 -19.21
C TYR A 61 -7.71 0.72 -18.50
N MET A 62 -7.37 -0.21 -17.62
CA MET A 62 -8.32 -0.97 -16.83
C MET A 62 -8.46 -0.35 -15.45
N THR A 63 -8.77 0.97 -15.46
CA THR A 63 -8.97 1.83 -14.30
C THR A 63 -9.95 2.96 -14.69
N THR A 64 -10.92 3.25 -13.80
CA THR A 64 -11.87 4.35 -14.06
C THR A 64 -11.26 5.74 -13.84
N ALA A 65 -10.03 5.83 -13.29
CA ALA A 65 -9.34 7.11 -13.10
C ALA A 65 -8.87 7.75 -14.43
N VAL A 66 -9.01 7.02 -15.56
CA VAL A 66 -8.62 7.46 -16.90
C VAL A 66 -9.85 7.52 -17.82
N ASN A 67 -10.03 8.64 -18.53
CA ASN A 67 -11.15 8.82 -19.47
C ASN A 67 -10.62 8.96 -20.89
N VAL A 68 -10.21 7.84 -21.51
CA VAL A 68 -9.67 7.86 -22.88
C VAL A 68 -10.42 6.89 -23.81
N THR A 69 -10.33 7.13 -25.13
CA THR A 69 -10.99 6.28 -26.12
C THR A 69 -10.19 5.00 -26.39
N HIS A 70 -10.84 3.84 -26.25
CA HIS A 70 -10.18 2.56 -26.51
C HIS A 70 -10.49 2.05 -27.91
N SER A 71 -9.44 1.70 -28.68
CA SER A 71 -9.61 1.20 -30.05
C SER A 71 -10.12 -0.26 -30.08
N GLY A 72 -9.76 -1.05 -29.08
CA GLY A 72 -10.15 -2.44 -29.02
C GLY A 72 -9.04 -3.42 -29.39
N THR A 73 -8.00 -2.91 -30.07
CA THR A 73 -6.85 -3.72 -30.48
C THR A 73 -5.57 -3.34 -29.70
N GLU A 74 -5.66 -3.25 -28.37
CA GLU A 74 -4.49 -2.91 -27.55
C GLU A 74 -3.89 -4.17 -26.92
N ILE A 75 -2.58 -4.38 -27.08
CA ILE A 75 -1.90 -5.52 -26.48
C ILE A 75 -1.09 -5.15 -25.19
N VAL A 76 -1.28 -3.92 -24.69
CA VAL A 76 -0.68 -3.43 -23.47
C VAL A 76 -1.84 -2.98 -22.58
N ASP A 77 -1.95 -3.59 -21.40
CA ASP A 77 -2.98 -3.28 -20.40
C ASP A 77 -2.32 -2.52 -19.26
N LEU A 78 -3.06 -1.66 -18.60
CA LEU A 78 -2.55 -0.90 -17.48
C LEU A 78 -3.59 -0.97 -16.38
N MET A 79 -3.17 -1.43 -15.21
CA MET A 79 -4.05 -1.55 -14.06
C MET A 79 -3.26 -1.39 -12.76
N CYS A 80 -3.94 -1.23 -11.62
CA CYS A 80 -3.26 -1.17 -10.33
C CYS A 80 -2.77 -2.54 -9.90
N HIS A 81 -1.80 -2.59 -8.94
CA HIS A 81 -1.31 -3.88 -8.41
C HIS A 81 -2.45 -4.69 -7.77
N ALA A 82 -3.35 -4.04 -6.98
CA ALA A 82 -4.45 -4.75 -6.31
C ALA A 82 -5.43 -5.34 -7.30
N THR A 83 -5.73 -4.59 -8.40
CA THR A 83 -6.60 -5.03 -9.49
C THR A 83 -6.03 -6.27 -10.15
N PHE A 84 -4.70 -6.35 -10.30
CA PHE A 84 -4.07 -7.50 -10.91
C PHE A 84 -4.29 -8.73 -10.06
N THR A 85 -3.93 -8.66 -8.76
CA THR A 85 -4.11 -9.78 -7.82
C THR A 85 -5.57 -10.19 -7.68
N SER A 86 -6.46 -9.19 -7.68
CA SER A 86 -7.89 -9.44 -7.56
C SER A 86 -8.41 -10.28 -8.72
N ARG A 87 -7.96 -10.01 -9.95
CA ARG A 87 -8.41 -10.76 -11.12
C ARG A 87 -7.84 -12.17 -11.15
N LEU A 88 -6.61 -12.35 -10.64
CA LEU A 88 -6.01 -13.67 -10.49
C LEU A 88 -6.85 -14.53 -9.50
N LEU A 89 -7.44 -13.88 -8.49
CA LEU A 89 -8.25 -14.52 -7.47
C LEU A 89 -9.65 -14.91 -7.94
N GLN A 90 -10.33 -14.02 -8.67
CA GLN A 90 -11.68 -14.21 -9.18
C GLN A 90 -11.78 -15.19 -10.36
N PRO A 91 -12.99 -15.75 -10.65
CA PRO A 91 -13.13 -16.68 -11.79
C PRO A 91 -13.23 -15.90 -13.08
N ILE A 92 -12.12 -15.32 -13.47
CA ILE A 92 -12.01 -14.49 -14.64
C ILE A 92 -10.72 -14.83 -15.37
N ARG A 93 -10.81 -14.88 -16.67
CA ARG A 93 -9.73 -15.16 -17.56
C ARG A 93 -8.79 -13.96 -17.53
N VAL A 94 -7.52 -14.21 -17.21
CA VAL A 94 -6.51 -13.16 -17.23
C VAL A 94 -5.53 -13.56 -18.35
N PRO A 95 -5.15 -12.65 -19.29
CA PRO A 95 -4.20 -13.05 -20.32
C PRO A 95 -2.86 -13.54 -19.74
N ASN A 96 -2.10 -14.29 -20.51
CA ASN A 96 -0.79 -14.73 -20.06
C ASN A 96 0.22 -13.72 -20.56
N TYR A 97 0.40 -12.63 -19.81
CA TYR A 97 1.31 -11.58 -20.18
C TYR A 97 2.73 -12.05 -20.35
N ASN A 98 3.31 -11.73 -21.51
CA ASN A 98 4.68 -12.06 -21.91
C ASN A 98 5.67 -11.14 -21.19
N LEU A 99 5.28 -9.89 -20.96
CA LEU A 99 6.09 -8.88 -20.30
C LEU A 99 5.26 -8.29 -19.13
N ASN A 100 5.85 -8.26 -17.93
CA ASN A 100 5.20 -7.77 -16.72
C ASN A 100 5.99 -6.61 -16.14
N ILE A 101 5.45 -5.38 -16.20
CA ILE A 101 6.15 -4.21 -15.67
C ILE A 101 5.46 -3.75 -14.39
N MET A 102 6.13 -3.85 -13.25
CA MET A 102 5.57 -3.35 -12.01
C MET A 102 6.26 -2.06 -11.62
N ASP A 103 5.51 -0.99 -11.46
CA ASP A 103 6.07 0.29 -11.04
C ASP A 103 5.93 0.42 -9.54
N GLU A 104 6.95 0.96 -8.84
CA GLU A 104 7.04 1.10 -7.38
C GLU A 104 6.97 -0.29 -6.80
N ALA A 105 7.83 -1.19 -7.33
CA ALA A 105 7.83 -2.58 -6.95
C ALA A 105 8.31 -2.84 -5.51
N HIS A 106 8.40 -1.80 -4.70
CA HIS A 106 8.78 -1.88 -3.30
C HIS A 106 7.52 -1.94 -2.38
N PHE A 107 6.33 -1.54 -2.90
CA PHE A 107 5.05 -1.53 -2.18
C PHE A 107 4.85 -2.80 -1.32
N THR A 108 4.64 -2.62 0.00
CA THR A 108 4.54 -3.75 0.92
C THR A 108 3.09 -4.19 1.23
N ASP A 109 2.09 -3.72 0.47
CA ASP A 109 0.70 -4.14 0.68
C ASP A 109 0.52 -5.59 0.25
N PRO A 110 -0.30 -6.36 0.96
CA PRO A 110 -0.42 -7.80 0.64
C PRO A 110 -0.59 -8.16 -0.85
N SER A 111 -1.41 -7.39 -1.60
CA SER A 111 -1.65 -7.63 -3.03
C SER A 111 -0.43 -7.33 -3.93
N SER A 112 0.46 -6.40 -3.51
CA SER A 112 1.67 -6.09 -4.25
C SER A 112 2.67 -7.22 -4.06
N ILE A 113 2.87 -7.68 -2.81
CA ILE A 113 3.76 -8.79 -2.52
C ILE A 113 3.28 -10.05 -3.26
N ALA A 114 1.95 -10.31 -3.27
CA ALA A 114 1.40 -11.46 -4.00
C ALA A 114 1.64 -11.33 -5.53
N ALA A 115 1.49 -10.11 -6.12
CA ALA A 115 1.74 -9.94 -7.55
C ALA A 115 3.24 -10.17 -7.88
N ARG A 116 4.17 -9.72 -6.98
CA ARG A 116 5.60 -9.95 -7.21
C ARG A 116 5.89 -11.43 -7.16
N GLY A 117 5.26 -12.17 -6.26
CA GLY A 117 5.43 -13.60 -6.13
C GLY A 117 4.97 -14.38 -7.36
N TYR A 118 3.71 -14.13 -7.77
CA TYR A 118 3.12 -14.74 -8.95
C TYR A 118 3.94 -14.49 -10.23
N ILE A 119 4.31 -13.23 -10.50
CA ILE A 119 5.08 -12.84 -11.67
C ILE A 119 6.48 -13.45 -11.65
N SER A 120 7.20 -13.33 -10.51
CA SER A 120 8.55 -13.86 -10.40
C SER A 120 8.62 -15.40 -10.52
N THR A 121 7.53 -16.09 -10.26
CA THR A 121 7.48 -17.54 -10.41
C THR A 121 7.37 -17.89 -11.89
N ARG A 122 6.56 -17.11 -12.66
CA ARG A 122 6.40 -17.29 -14.10
C ARG A 122 7.74 -17.07 -14.78
N VAL A 123 8.48 -16.02 -14.39
CA VAL A 123 9.81 -15.72 -14.93
C VAL A 123 10.82 -16.84 -14.59
N GLU A 124 10.78 -17.36 -13.35
CA GLU A 124 11.64 -18.45 -12.91
C GLU A 124 11.33 -19.75 -13.70
N MET A 125 10.05 -19.97 -14.02
CA MET A 125 9.58 -21.12 -14.82
C MET A 125 9.89 -20.95 -16.34
N GLY A 126 10.42 -19.82 -16.76
CA GLY A 126 10.70 -19.55 -18.16
C GLY A 126 9.51 -19.17 -19.02
N GLU A 127 8.36 -18.89 -18.39
CA GLU A 127 7.15 -18.53 -19.13
C GLU A 127 7.03 -17.05 -19.48
N ALA A 128 7.75 -16.14 -18.79
CA ALA A 128 7.58 -14.72 -19.01
C ALA A 128 8.81 -13.88 -18.58
N ALA A 129 8.83 -12.58 -18.91
CA ALA A 129 9.83 -11.60 -18.52
C ALA A 129 9.15 -10.59 -17.56
N ALA A 130 9.98 -9.86 -16.79
CA ALA A 130 9.46 -8.90 -15.84
C ALA A 130 10.42 -7.77 -15.62
N ILE A 131 9.88 -6.59 -15.32
CA ILE A 131 10.67 -5.41 -15.00
C ILE A 131 10.06 -4.81 -13.71
N PHE A 132 10.83 -4.80 -12.65
CA PHE A 132 10.40 -4.26 -11.36
C PHE A 132 11.09 -2.92 -11.24
N MET A 133 10.31 -1.85 -11.24
CA MET A 133 10.85 -0.51 -11.16
C MET A 133 10.73 0.04 -9.77
N THR A 134 11.88 0.28 -9.12
CA THR A 134 11.93 0.92 -7.82
C THR A 134 13.31 1.44 -7.50
N ALA A 135 13.37 2.54 -6.78
CA ALA A 135 14.62 3.06 -6.28
C ALA A 135 15.12 2.22 -5.09
N THR A 136 14.21 1.51 -4.37
CA THR A 136 14.54 0.73 -3.19
C THR A 136 14.06 -0.73 -3.32
N PRO A 137 14.83 -1.54 -4.05
CA PRO A 137 14.45 -2.97 -4.17
C PRO A 137 14.50 -3.69 -2.83
N PRO A 138 13.78 -4.84 -2.65
CA PRO A 138 13.86 -5.55 -1.36
C PRO A 138 15.31 -5.90 -0.99
N GLY A 139 15.72 -5.59 0.22
CA GLY A 139 17.08 -5.84 0.66
C GLY A 139 17.95 -4.61 0.85
N THR A 140 17.49 -3.46 0.34
CA THR A 140 18.27 -2.23 0.43
C THR A 140 18.53 -1.80 1.88
N ARG A 141 19.77 -1.42 2.14
CA ARG A 141 20.25 -0.95 3.44
C ARG A 141 20.66 0.53 3.39
N ASP A 142 20.42 1.21 2.27
CA ASP A 142 20.80 2.60 2.12
C ASP A 142 19.58 3.49 2.31
N ALA A 143 19.54 4.22 3.43
CA ALA A 143 18.46 5.16 3.66
C ALA A 143 18.74 6.52 2.99
N PHE A 144 20.01 6.80 2.61
CA PHE A 144 20.39 8.05 1.95
C PHE A 144 20.95 7.83 0.52
N PRO A 145 20.09 7.40 -0.43
CA PRO A 145 20.58 7.19 -1.80
C PRO A 145 20.79 8.49 -2.57
N ASP A 146 21.28 8.37 -3.81
CA ASP A 146 21.54 9.52 -4.65
C ASP A 146 20.28 10.24 -5.06
N SER A 147 20.40 11.54 -5.37
CA SER A 147 19.25 12.35 -5.74
C SER A 147 19.57 13.35 -6.88
N ASN A 148 18.55 13.95 -7.48
CA ASN A 148 18.72 14.93 -8.56
C ASN A 148 19.41 16.19 -8.07
N SER A 149 19.17 16.61 -6.82
CA SER A 149 19.87 17.75 -6.24
C SER A 149 20.27 17.47 -4.78
N PRO A 150 21.32 18.15 -4.23
CA PRO A 150 21.75 17.82 -2.87
C PRO A 150 20.69 18.01 -1.81
N ILE A 151 20.75 17.19 -0.79
CA ILE A 151 19.79 17.22 0.32
C ILE A 151 20.53 17.50 1.62
N MET A 152 19.97 18.37 2.47
CA MET A 152 20.52 18.64 3.78
C MET A 152 19.85 17.63 4.73
N ASP A 153 20.58 16.63 5.23
CA ASP A 153 20.05 15.59 6.16
C ASP A 153 20.29 15.99 7.61
N THR A 154 19.24 16.02 8.46
CA THR A 154 19.40 16.40 9.86
C THR A 154 18.73 15.45 10.82
N GLU A 155 19.52 14.82 11.71
CA GLU A 155 18.95 13.95 12.74
C GLU A 155 18.44 14.91 13.79
N VAL A 156 17.14 14.89 14.04
CA VAL A 156 16.55 15.82 15.00
C VAL A 156 15.37 15.17 15.75
N GLU A 157 15.03 15.67 16.95
CA GLU A 157 13.87 15.18 17.69
C GLU A 157 12.61 15.72 16.99
N VAL A 158 11.81 14.81 16.47
CA VAL A 158 10.59 15.15 15.75
C VAL A 158 9.40 14.94 16.68
N PRO A 159 8.49 15.93 16.76
CA PRO A 159 7.31 15.74 17.61
C PRO A 159 6.32 14.72 17.06
N GLU A 160 5.75 13.96 17.99
CA GLU A 160 4.70 12.97 17.70
C GLU A 160 3.37 13.30 18.42
N ARG A 161 3.33 14.41 19.18
CA ARG A 161 2.15 14.89 19.88
C ARG A 161 2.09 16.42 19.66
N ALA A 162 1.00 17.10 20.07
CA ALA A 162 0.94 18.56 19.98
C ALA A 162 1.99 19.15 20.95
N TRP A 163 2.57 20.29 20.60
CA TRP A 163 3.63 20.88 21.40
C TRP A 163 3.42 22.37 21.63
N SER A 164 3.95 22.87 22.74
CA SER A 164 3.86 24.29 23.10
C SER A 164 5.22 24.98 22.96
N SER A 165 6.30 24.25 23.25
CA SER A 165 7.66 24.78 23.14
C SER A 165 8.65 23.68 22.69
N GLY A 166 9.83 24.10 22.27
CA GLY A 166 10.89 23.17 21.91
C GLY A 166 11.08 22.82 20.46
N PHE A 167 10.13 23.20 19.56
CA PHE A 167 10.27 22.83 18.14
C PHE A 167 10.03 24.02 17.21
N ASP A 168 10.66 25.17 17.49
CA ASP A 168 10.48 26.37 16.66
C ASP A 168 10.81 26.14 15.18
N TRP A 169 11.75 25.21 14.91
CA TRP A 169 12.20 24.88 13.56
C TRP A 169 11.10 24.35 12.63
N VAL A 170 10.08 23.70 13.20
CA VAL A 170 8.98 23.14 12.45
C VAL A 170 8.13 24.25 11.84
N THR A 171 7.74 25.25 12.64
CA THR A 171 6.85 26.30 12.18
C THR A 171 7.55 27.53 11.61
N ASP A 172 8.85 27.75 11.93
CA ASP A 172 9.58 28.89 11.38
C ASP A 172 10.15 28.60 9.98
N HIS A 173 9.46 27.77 9.20
CA HIS A 173 9.89 27.43 7.84
C HIS A 173 8.94 28.07 6.83
N SER A 174 9.47 28.68 5.78
CA SER A 174 8.63 29.34 4.76
C SER A 174 8.11 28.40 3.69
N GLY A 175 8.88 27.38 3.36
CA GLY A 175 8.49 26.44 2.31
C GLY A 175 7.35 25.50 2.66
N LYS A 176 7.13 24.52 1.78
CA LYS A 176 6.07 23.53 2.00
C LYS A 176 6.74 22.26 2.50
N THR A 177 6.12 21.61 3.51
CA THR A 177 6.63 20.41 4.16
C THR A 177 5.71 19.18 4.04
N VAL A 178 6.31 18.02 3.77
CA VAL A 178 5.63 16.74 3.75
C VAL A 178 6.11 16.05 5.04
N TRP A 179 5.21 15.84 5.97
CA TRP A 179 5.52 15.23 7.26
C TRP A 179 4.92 13.81 7.36
N PHE A 180 5.80 12.81 7.46
CA PHE A 180 5.42 11.40 7.57
C PHE A 180 5.22 11.02 9.04
N VAL A 181 3.96 10.72 9.42
CA VAL A 181 3.55 10.27 10.77
C VAL A 181 3.32 8.74 10.77
N PRO A 182 3.36 8.06 11.94
CA PRO A 182 3.12 6.59 11.95
C PRO A 182 1.66 6.15 11.82
N SER A 183 0.69 7.06 12.04
CA SER A 183 -0.73 6.69 12.01
C SER A 183 -1.68 7.88 11.75
N VAL A 184 -2.92 7.58 11.31
CA VAL A 184 -3.96 8.59 11.08
C VAL A 184 -4.21 9.41 12.36
N ARG A 185 -4.42 8.72 13.51
CA ARG A 185 -4.65 9.31 14.83
C ARG A 185 -3.48 10.21 15.25
N ASN A 186 -2.22 9.82 14.94
CA ASN A 186 -1.07 10.67 15.27
CA ASN A 186 -1.05 10.64 15.24
C ASN A 186 -1.04 11.90 14.35
N GLY A 187 -1.39 11.71 13.08
CA GLY A 187 -1.44 12.81 12.13
C GLY A 187 -2.49 13.85 12.50
N ASN A 188 -3.68 13.39 12.99
CA ASN A 188 -4.79 14.26 13.42
C ASN A 188 -4.33 15.24 14.50
N GLU A 189 -3.59 14.74 15.50
CA GLU A 189 -3.09 15.56 16.61
C GLU A 189 -2.08 16.65 16.19
N ILE A 190 -1.10 16.28 15.36
CA ILE A 190 -0.08 17.20 14.85
C ILE A 190 -0.76 18.22 13.93
N ALA A 191 -1.66 17.75 13.04
CA ALA A 191 -2.40 18.61 12.12
C ALA A 191 -3.21 19.66 12.89
N ALA A 192 -3.86 19.26 13.99
CA ALA A 192 -4.64 20.21 14.81
C ALA A 192 -3.72 21.28 15.41
N CYS A 193 -2.55 20.85 15.89
CA CYS A 193 -1.55 21.73 16.48
C CYS A 193 -1.05 22.75 15.45
N LEU A 194 -0.69 22.27 14.22
CA LEU A 194 -0.23 23.12 13.13
C LEU A 194 -1.31 24.09 12.72
N THR A 195 -2.55 23.62 12.54
CA THR A 195 -3.71 24.46 12.19
C THR A 195 -3.92 25.59 13.20
N LYS A 196 -3.85 25.27 14.50
CA LYS A 196 -3.98 26.22 15.59
C LYS A 196 -2.86 27.28 15.53
N ALA A 197 -1.66 26.90 15.06
CA ALA A 197 -0.56 27.85 14.92
C ALA A 197 -0.64 28.72 13.65
N GLY A 198 -1.66 28.50 12.82
CA GLY A 198 -1.93 29.27 11.61
C GLY A 198 -1.55 28.59 10.32
N LYS A 199 -1.30 27.27 10.34
CA LYS A 199 -0.87 26.56 9.14
C LYS A 199 -1.98 25.87 8.37
N ARG A 200 -1.84 25.79 7.04
CA ARG A 200 -2.80 25.05 6.20
C ARG A 200 -2.33 23.62 6.07
N VAL A 201 -3.12 22.67 6.59
CA VAL A 201 -2.73 21.28 6.57
C VAL A 201 -3.66 20.41 5.74
N ILE A 202 -3.07 19.49 4.95
CA ILE A 202 -3.79 18.48 4.18
C ILE A 202 -3.38 17.11 4.76
N GLN A 203 -4.34 16.19 4.97
CA GLN A 203 -4.02 14.88 5.55
C GLN A 203 -4.28 13.77 4.58
N LEU A 204 -3.29 12.89 4.40
CA LEU A 204 -3.39 11.78 3.48
C LEU A 204 -3.23 10.45 4.18
N SER A 205 -4.05 9.49 3.80
CA SER A 205 -4.01 8.11 4.29
C SER A 205 -4.56 7.20 3.18
N ARG A 206 -4.34 5.88 3.27
CA ARG A 206 -4.81 4.94 2.24
C ARG A 206 -6.28 5.13 1.79
N LYS A 207 -7.22 5.39 2.71
CA LYS A 207 -8.63 5.57 2.32
C LYS A 207 -8.93 6.90 1.67
N THR A 208 -8.31 7.99 2.14
CA THR A 208 -8.60 9.31 1.59
C THR A 208 -7.65 9.77 0.46
N PHE A 209 -6.65 8.93 0.07
CA PHE A 209 -5.59 9.25 -0.87
C PHE A 209 -5.99 9.89 -2.23
N GLU A 210 -6.84 9.25 -3.08
CA GLU A 210 -7.17 9.88 -4.37
C GLU A 210 -7.90 11.21 -4.24
N THR A 211 -8.86 11.29 -3.30
CA THR A 211 -9.61 12.52 -3.11
C THR A 211 -8.77 13.66 -2.53
N GLU A 212 -8.00 13.37 -1.48
CA GLU A 212 -7.21 14.40 -0.80
C GLU A 212 -5.97 14.83 -1.55
N PHE A 213 -5.37 13.92 -2.36
CA PHE A 213 -4.15 14.27 -3.10
C PHE A 213 -4.41 15.43 -4.07
N GLN A 214 -5.62 15.52 -4.64
CA GLN A 214 -5.98 16.59 -5.57
C GLN A 214 -5.88 17.97 -4.91
N LYS A 215 -6.11 18.06 -3.58
CA LYS A 215 -5.98 19.31 -2.83
C LYS A 215 -4.54 19.83 -2.80
N THR A 216 -3.55 18.93 -2.93
CA THR A 216 -2.13 19.33 -2.97
C THR A 216 -1.80 20.09 -4.27
N LYS A 217 -2.68 20.00 -5.29
CA LYS A 217 -2.55 20.68 -6.59
C LYS A 217 -3.59 21.80 -6.76
N ASN A 218 -4.76 21.69 -6.08
CA ASN A 218 -5.81 22.71 -6.23
C ASN A 218 -5.76 23.83 -5.19
N GLN A 219 -5.04 23.67 -4.07
CA GLN A 219 -5.01 24.74 -3.08
C GLN A 219 -3.66 24.92 -2.40
N GLU A 220 -3.40 26.15 -1.95
CA GLU A 220 -2.19 26.52 -1.23
C GLU A 220 -2.14 25.74 0.07
N TRP A 221 -0.96 25.24 0.43
CA TRP A 221 -0.80 24.50 1.67
C TRP A 221 0.58 24.76 2.25
N ASP A 222 0.70 24.57 3.57
CA ASP A 222 1.97 24.71 4.24
C ASP A 222 2.50 23.32 4.61
N PHE A 223 1.61 22.41 5.03
CA PHE A 223 2.01 21.07 5.43
C PHE A 223 1.07 20.03 4.86
N VAL A 224 1.63 18.87 4.54
CA VAL A 224 0.92 17.67 4.14
C VAL A 224 1.30 16.60 5.20
N ILE A 225 0.33 16.15 6.01
CA ILE A 225 0.57 15.12 7.02
C ILE A 225 0.15 13.82 6.39
N THR A 226 1.06 12.85 6.27
CA THR A 226 0.75 11.62 5.57
C THR A 226 1.28 10.40 6.28
N THR A 227 0.65 9.27 6.01
CA THR A 227 1.11 7.98 6.49
C THR A 227 2.07 7.42 5.39
N ASP A 228 2.54 6.18 5.54
CA ASP A 228 3.43 5.51 4.62
C ASP A 228 2.90 5.40 3.17
N ILE A 229 1.62 5.75 2.91
CA ILE A 229 1.04 5.70 1.56
C ILE A 229 1.80 6.62 0.56
N SER A 230 2.30 7.76 1.03
CA SER A 230 3.02 8.68 0.14
C SER A 230 4.41 8.17 -0.33
N GLU A 231 4.81 6.94 0.08
CA GLU A 231 6.07 6.33 -0.36
C GLU A 231 5.96 5.69 -1.75
N MET A 232 4.75 5.63 -2.33
CA MET A 232 4.53 4.99 -3.62
C MET A 232 4.21 5.97 -4.76
N GLY A 233 5.21 6.75 -5.15
CA GLY A 233 5.09 7.63 -6.31
C GLY A 233 4.42 8.97 -6.11
N ALA A 234 4.00 9.31 -4.88
CA ALA A 234 3.35 10.59 -4.60
C ALA A 234 4.35 11.73 -4.85
N ASN A 235 4.09 12.54 -5.86
CA ASN A 235 4.96 13.66 -6.21
C ASN A 235 4.46 14.96 -5.59
N PHE A 236 5.33 15.69 -4.89
CA PHE A 236 4.97 16.94 -4.24
C PHE A 236 5.89 18.06 -4.66
N LYS A 237 5.39 19.29 -4.68
CA LYS A 237 6.22 20.46 -4.99
C LYS A 237 6.62 21.06 -3.63
N ALA A 238 7.45 20.33 -2.89
CA ALA A 238 7.86 20.70 -1.54
C ALA A 238 9.39 20.96 -1.41
N ASP A 239 9.85 21.54 -0.31
CA ASP A 239 11.28 21.75 -0.06
C ASP A 239 11.78 21.14 1.26
N ARG A 240 10.89 20.48 2.00
CA ARG A 240 11.26 19.86 3.26
C ARG A 240 10.45 18.63 3.53
N VAL A 241 11.08 17.59 4.05
CA VAL A 241 10.39 16.40 4.50
C VAL A 241 10.72 16.24 5.98
N ILE A 242 9.69 16.11 6.82
CA ILE A 242 9.89 15.83 8.24
C ILE A 242 9.52 14.35 8.39
N ASP A 243 10.45 13.51 8.83
CA ASP A 243 10.18 12.08 8.93
C ASP A 243 10.32 11.63 10.37
N SER A 244 9.21 11.23 11.00
CA SER A 244 9.27 10.68 12.35
C SER A 244 10.13 9.38 12.40
N ARG A 245 10.31 8.72 11.24
CA ARG A 245 11.01 7.43 11.07
C ARG A 245 10.28 6.27 11.76
N ARG A 246 9.01 6.46 12.15
CA ARG A 246 8.23 5.47 12.85
C ARG A 246 6.98 5.04 12.09
N CYS A 247 6.54 3.83 12.40
CA CYS A 247 5.40 3.21 11.73
C CYS A 247 4.73 2.22 12.65
N LEU A 248 3.44 1.93 12.39
CA LEU A 248 2.75 0.86 13.12
C LEU A 248 2.91 -0.39 12.26
N LYS A 249 3.05 -1.54 12.91
CA LYS A 249 3.23 -2.81 12.19
C LYS A 249 2.12 -3.78 12.59
N PRO A 250 1.32 -4.33 11.66
CA PRO A 250 0.32 -5.33 12.06
C PRO A 250 1.00 -6.67 12.37
N VAL A 251 0.77 -7.21 13.57
CA VAL A 251 1.39 -8.46 14.00
C VAL A 251 0.34 -9.53 14.42
N ILE A 252 0.51 -10.78 13.97
CA ILE A 252 -0.38 -11.87 14.35
C ILE A 252 0.15 -12.51 15.65
N LEU A 253 -0.56 -12.26 16.76
CA LEU A 253 -0.20 -12.77 18.07
C LEU A 253 -0.90 -14.08 18.33
N ASP A 254 -0.15 -15.15 18.65
CA ASP A 254 -0.69 -16.48 18.93
C ASP A 254 -1.50 -17.12 17.78
N GLY A 255 -1.49 -16.48 16.60
CA GLY A 255 -2.24 -16.97 15.45
C GLY A 255 -3.74 -16.75 15.54
N GLU A 256 -4.22 -16.07 16.61
CA GLU A 256 -5.64 -15.85 16.87
C GLU A 256 -6.09 -14.39 16.80
N ARG A 257 -5.16 -13.44 16.76
CA ARG A 257 -5.51 -12.03 16.69
C ARG A 257 -4.42 -11.21 16.03
N VAL A 258 -4.78 -10.03 15.54
CA VAL A 258 -3.86 -9.11 14.92
C VAL A 258 -3.86 -7.85 15.74
N ILE A 259 -2.66 -7.40 16.14
CA ILE A 259 -2.51 -6.17 16.87
C ILE A 259 -1.66 -5.17 16.03
N LEU A 260 -1.74 -3.89 16.34
CA LEU A 260 -0.94 -2.89 15.68
C LEU A 260 0.16 -2.52 16.67
N ALA A 261 1.32 -3.16 16.51
CA ALA A 261 2.47 -2.96 17.37
C ALA A 261 3.21 -1.69 16.97
N GLY A 262 3.81 -1.04 17.96
CA GLY A 262 4.56 0.17 17.71
C GLY A 262 3.93 1.45 18.23
N PRO A 263 4.27 2.64 17.69
CA PRO A 263 5.19 2.89 16.56
C PRO A 263 6.59 2.33 16.79
N MET A 264 7.20 1.88 15.70
CA MET A 264 8.54 1.32 15.69
C MET A 264 9.32 1.80 14.44
N PRO A 265 10.66 1.62 14.39
CA PRO A 265 11.43 2.10 13.23
C PRO A 265 10.95 1.61 11.87
N VAL A 266 11.05 2.50 10.87
CA VAL A 266 10.72 2.12 9.51
C VAL A 266 11.93 1.35 8.91
N THR A 267 11.70 0.55 7.85
CA THR A 267 12.82 -0.10 7.14
C THR A 267 13.70 0.99 6.44
N HIS A 268 14.87 0.60 5.90
CA HIS A 268 15.76 1.51 5.14
C HIS A 268 15.13 1.95 3.82
N ALA A 269 14.33 1.05 3.22
CA ALA A 269 13.60 1.35 1.98
C ALA A 269 12.55 2.44 2.25
N SER A 270 11.82 2.39 3.39
CA SER A 270 10.78 3.38 3.68
C SER A 270 11.40 4.74 3.95
N ALA A 271 12.50 4.76 4.70
CA ALA A 271 13.23 5.98 4.99
C ALA A 271 13.77 6.59 3.72
N ALA A 272 14.30 5.78 2.79
CA ALA A 272 14.80 6.33 1.52
C ALA A 272 13.66 6.82 0.64
N GLN A 273 12.49 6.13 0.63
CA GLN A 273 11.35 6.58 -0.17
C GLN A 273 10.76 7.89 0.40
N ARG A 274 10.74 8.03 1.72
CA ARG A 274 10.19 9.22 2.37
C ARG A 274 11.11 10.40 2.11
N ARG A 275 12.42 10.22 2.30
CA ARG A 275 13.39 11.25 1.97
C ARG A 275 13.34 11.61 0.48
N GLY A 276 13.12 10.60 -0.36
CA GLY A 276 13.02 10.68 -1.81
C GLY A 276 11.96 11.62 -2.37
N ARG A 277 11.01 12.10 -1.53
CA ARG A 277 9.97 13.08 -1.93
C ARG A 277 10.58 14.43 -2.31
N ILE A 278 11.70 14.79 -1.66
CA ILE A 278 12.43 16.04 -1.90
C ILE A 278 13.80 15.72 -2.58
N GLY A 279 14.54 16.77 -2.95
CA GLY A 279 15.82 16.65 -3.66
C GLY A 279 15.65 16.22 -5.10
N ARG A 280 14.44 16.42 -5.66
CA ARG A 280 14.09 15.97 -7.00
C ARG A 280 14.29 16.97 -8.11
N ASN A 281 14.41 18.27 -7.80
CA ASN A 281 14.60 19.34 -8.80
C ASN A 281 16.07 19.79 -8.74
N PRO A 282 16.85 19.50 -9.79
CA PRO A 282 18.28 19.87 -9.76
C PRO A 282 18.54 21.40 -9.82
N ASN A 283 17.50 22.20 -10.08
CA ASN A 283 17.57 23.66 -10.06
C ASN A 283 17.17 24.25 -8.68
N LYS A 284 16.93 23.41 -7.67
CA LYS A 284 16.57 23.86 -6.33
C LYS A 284 17.29 23.00 -5.30
N PRO A 285 18.61 23.21 -5.15
CA PRO A 285 19.36 22.43 -4.16
C PRO A 285 19.04 22.86 -2.73
N GLY A 286 19.41 22.03 -1.76
CA GLY A 286 19.22 22.37 -0.37
C GLY A 286 17.89 22.00 0.26
N ASP A 287 17.11 21.07 -0.38
CA ASP A 287 15.87 20.58 0.27
C ASP A 287 16.25 19.89 1.59
N GLU A 288 15.39 19.99 2.60
CA GLU A 288 15.74 19.47 3.92
C GLU A 288 15.06 18.16 4.25
N TYR A 289 15.78 17.27 4.92
CA TYR A 289 15.20 16.02 5.39
C TYR A 289 15.56 15.90 6.86
N MET A 290 14.59 16.21 7.70
CA MET A 290 14.68 16.13 9.15
C MET A 290 14.15 14.78 9.59
N TYR A 291 14.99 13.91 10.14
CA TYR A 291 14.55 12.58 10.58
C TYR A 291 14.71 12.37 12.09
N GLY A 292 13.68 11.77 12.73
CA GLY A 292 13.59 11.61 14.18
C GLY A 292 13.85 10.26 14.84
N GLY A 293 14.58 9.39 14.16
CA GLY A 293 14.94 8.07 14.68
C GLY A 293 15.70 7.28 13.63
N GLY A 294 16.11 6.07 13.97
CA GLY A 294 16.82 5.22 13.02
C GLY A 294 15.95 4.22 12.27
N CYS A 295 16.59 3.37 11.45
CA CYS A 295 15.98 2.33 10.63
C CYS A 295 16.31 0.98 11.16
N ALA A 296 15.38 0.05 10.98
CA ALA A 296 15.55 -1.36 11.33
C ALA A 296 14.73 -2.16 10.32
N GLU A 297 15.08 -3.44 10.09
CA GLU A 297 14.31 -4.24 9.14
CA GLU A 297 14.35 -4.33 9.17
C GLU A 297 13.04 -4.81 9.83
N THR A 298 12.03 -3.93 10.01
CA THR A 298 10.79 -4.30 10.68
C THR A 298 9.78 -5.04 9.79
N ASP A 299 10.11 -5.32 8.51
CA ASP A 299 9.20 -6.11 7.68
C ASP A 299 9.19 -7.61 8.05
N GLU A 300 10.15 -8.07 8.87
CA GLU A 300 10.16 -9.48 9.31
C GLU A 300 9.09 -9.66 10.37
N GLY A 301 8.17 -10.58 10.13
CA GLY A 301 7.08 -10.86 11.05
C GLY A 301 5.88 -9.94 10.93
N HIS A 302 5.86 -9.13 9.87
CA HIS A 302 4.79 -8.20 9.56
C HIS A 302 3.65 -9.06 8.93
N ALA A 303 2.40 -8.83 9.35
CA ALA A 303 1.24 -9.57 8.87
C ALA A 303 1.07 -9.56 7.35
N HIS A 304 1.50 -8.50 6.65
CA HIS A 304 1.36 -8.43 5.20
C HIS A 304 2.02 -9.58 4.43
N TRP A 305 3.15 -10.11 4.89
CA TRP A 305 3.82 -11.22 4.21
C TRP A 305 3.07 -12.56 4.38
N LEU A 306 2.44 -12.77 5.55
CA LEU A 306 1.61 -13.93 5.82
C LEU A 306 0.34 -13.81 4.96
N GLU A 307 -0.26 -12.61 4.91
CA GLU A 307 -1.44 -12.31 4.10
C GLU A 307 -1.20 -12.53 2.61
N ALA A 308 0.02 -12.23 2.14
CA ALA A 308 0.42 -12.44 0.73
C ALA A 308 0.47 -13.93 0.40
N ARG A 309 0.89 -14.76 1.37
CA ARG A 309 0.91 -16.20 1.23
C ARG A 309 -0.54 -16.73 1.20
N MET A 310 -1.47 -16.12 1.96
CA MET A 310 -2.89 -16.50 1.94
C MET A 310 -3.50 -16.21 0.54
N LEU A 311 -3.06 -15.12 -0.11
CA LEU A 311 -3.55 -14.79 -1.46
C LEU A 311 -2.98 -15.76 -2.53
N LEU A 312 -1.66 -16.01 -2.51
CA LEU A 312 -1.01 -16.89 -3.48
C LEU A 312 -1.45 -18.34 -3.43
N ASP A 313 -1.75 -18.87 -2.23
CA ASP A 313 -2.25 -20.23 -2.02
C ASP A 313 -3.64 -20.45 -2.67
N ASN A 314 -4.35 -19.37 -2.98
CA ASN A 314 -5.68 -19.37 -3.57
C ASN A 314 -5.68 -18.81 -5.01
N ILE A 315 -4.54 -18.80 -5.67
CA ILE A 315 -4.43 -18.32 -7.04
C ILE A 315 -3.92 -19.50 -7.87
N TYR A 316 -4.62 -19.84 -8.95
CA TYR A 316 -4.21 -20.95 -9.79
C TYR A 316 -2.97 -20.55 -10.60
N LEU A 317 -2.01 -21.47 -10.74
CA LEU A 317 -0.80 -21.19 -11.52
C LEU A 317 -0.59 -22.31 -12.55
N GLN A 318 -0.49 -23.56 -12.08
CA GLN A 318 -0.36 -24.74 -12.92
C GLN A 318 -0.74 -25.92 -12.04
N ASP A 319 -1.80 -26.65 -12.39
CA ASP A 319 -2.34 -27.82 -11.68
C ASP A 319 -2.22 -27.77 -10.10
N GLY A 320 -1.18 -28.35 -9.51
CA GLY A 320 -1.03 -28.33 -8.06
C GLY A 320 0.04 -27.41 -7.52
N LEU A 321 0.66 -26.61 -8.40
CA LEU A 321 1.72 -25.68 -8.04
C LEU A 321 1.18 -24.41 -7.44
N ILE A 322 1.99 -23.78 -6.61
CA ILE A 322 1.64 -22.55 -5.93
C ILE A 322 2.80 -21.60 -6.06
N ALA A 323 2.54 -20.35 -6.46
CA ALA A 323 3.56 -19.34 -6.63
C ALA A 323 4.28 -19.06 -5.36
N SER A 324 5.59 -18.97 -5.45
CA SER A 324 6.42 -18.60 -4.32
C SER A 324 6.47 -17.07 -4.25
N LEU A 325 6.83 -16.54 -3.08
CA LEU A 325 7.06 -15.11 -2.94
C LEU A 325 8.38 -14.81 -3.67
N TYR A 326 8.53 -13.58 -4.21
CA TYR A 326 9.75 -13.10 -4.85
C TYR A 326 10.95 -13.37 -3.91
N ARG A 327 11.96 -14.14 -4.36
CA ARG A 327 13.10 -14.60 -3.55
C ARG A 327 13.69 -13.55 -2.53
N PRO A 328 13.99 -12.28 -2.89
CA PRO A 328 14.54 -11.35 -1.88
C PRO A 328 13.64 -11.03 -0.69
N GLU A 329 12.36 -11.40 -0.75
CA GLU A 329 11.45 -11.14 0.37
C GLU A 329 10.73 -12.39 0.90
N ALA A 330 11.10 -13.59 0.41
CA ALA A 330 10.45 -14.84 0.80
C ALA A 330 10.70 -15.31 2.26
N ASP A 331 11.69 -14.71 2.93
CA ASP A 331 12.07 -15.02 4.30
C ASP A 331 11.35 -14.16 5.35
N LYS A 332 10.59 -13.14 4.93
CA LYS A 332 9.88 -12.28 5.87
C LYS A 332 8.66 -12.97 6.53
N VAL A 333 8.40 -14.23 6.20
CA VAL A 333 7.28 -14.96 6.73
C VAL A 333 7.68 -16.43 6.92
N ALA A 334 7.24 -17.04 8.02
CA ALA A 334 7.50 -18.45 8.24
C ALA A 334 6.17 -19.11 7.92
N ALA A 335 6.05 -19.63 6.70
CA ALA A 335 4.81 -20.21 6.24
C ALA A 335 5.04 -21.48 5.42
N ILE A 336 4.02 -22.35 5.34
CA ILE A 336 4.10 -23.53 4.51
C ILE A 336 3.31 -23.25 3.25
N GLU A 337 3.92 -23.42 2.06
CA GLU A 337 3.20 -23.17 0.81
C GLU A 337 2.06 -24.15 0.66
N GLY A 338 0.88 -23.62 0.45
CA GLY A 338 -0.36 -24.37 0.35
C GLY A 338 -1.17 -24.45 1.64
N GLU A 339 -0.58 -24.12 2.80
CA GLU A 339 -1.26 -24.22 4.08
C GLU A 339 -2.52 -23.36 4.19
N PHE A 340 -2.67 -22.34 3.33
CA PHE A 340 -3.86 -21.46 3.32
C PHE A 340 -4.80 -21.73 2.14
N LYS A 341 -4.59 -22.82 1.39
CA LYS A 341 -5.41 -23.12 0.24
C LYS A 341 -6.82 -23.47 0.67
N LEU A 342 -7.79 -22.80 0.09
CA LEU A 342 -9.18 -23.04 0.41
C LEU A 342 -9.88 -23.78 -0.70
N ARG A 343 -10.91 -24.55 -0.35
CA ARG A 343 -11.74 -25.21 -1.36
C ARG A 343 -12.59 -24.16 -2.09
N THR A 344 -13.09 -24.52 -3.27
CA THR A 344 -13.81 -23.61 -4.16
C THR A 344 -14.82 -22.66 -3.47
N GLU A 345 -15.71 -23.18 -2.60
CA GLU A 345 -16.71 -22.34 -1.96
C GLU A 345 -16.14 -21.42 -0.86
N GLN A 346 -15.24 -21.94 0.00
CA GLN A 346 -14.62 -21.10 1.02
C GLN A 346 -13.75 -20.01 0.37
N ARG A 347 -13.16 -20.28 -0.81
CA ARG A 347 -12.33 -19.34 -1.54
C ARG A 347 -13.17 -18.20 -2.11
N LYS A 348 -14.40 -18.49 -2.56
CA LYS A 348 -15.32 -17.48 -3.07
C LYS A 348 -15.76 -16.54 -1.95
N THR A 349 -16.04 -17.12 -0.76
CA THR A 349 -16.39 -16.35 0.43
C THR A 349 -15.21 -15.42 0.81
N PHE A 350 -13.98 -15.96 0.81
CA PHE A 350 -12.73 -15.26 1.13
C PHE A 350 -12.60 -14.02 0.25
N VAL A 351 -12.75 -14.21 -1.07
CA VAL A 351 -12.67 -13.14 -2.05
C VAL A 351 -13.77 -12.10 -1.81
N GLU A 352 -15.02 -12.53 -1.61
CA GLU A 352 -16.10 -11.58 -1.33
C GLU A 352 -15.89 -10.78 -0.02
N LEU A 353 -15.32 -11.38 1.02
CA LEU A 353 -15.08 -10.70 2.30
C LEU A 353 -14.01 -9.60 2.15
N MET A 354 -13.02 -9.82 1.29
CA MET A 354 -12.00 -8.83 1.02
C MET A 354 -12.51 -7.75 0.05
N LYS A 355 -13.20 -8.17 -1.02
CA LYS A 355 -13.65 -7.29 -2.08
C LYS A 355 -14.91 -6.47 -1.77
N ARG A 356 -15.97 -7.13 -1.31
CA ARG A 356 -17.20 -6.45 -0.99
C ARG A 356 -17.17 -6.06 0.50
N GLY A 357 -16.81 -7.00 1.37
CA GLY A 357 -16.77 -6.74 2.80
C GLY A 357 -15.73 -5.75 3.29
N ASP A 358 -14.65 -5.57 2.50
CA ASP A 358 -13.52 -4.66 2.75
C ASP A 358 -12.77 -5.02 4.05
N LEU A 359 -12.64 -6.33 4.32
CA LEU A 359 -11.94 -6.79 5.51
C LEU A 359 -10.46 -7.05 5.15
N PRO A 360 -9.56 -6.96 6.15
CA PRO A 360 -8.16 -7.29 5.88
C PRO A 360 -8.04 -8.77 5.50
N VAL A 361 -7.08 -9.13 4.63
CA VAL A 361 -6.81 -10.52 4.24
C VAL A 361 -6.90 -11.52 5.40
N TRP A 362 -6.16 -11.30 6.49
CA TRP A 362 -6.17 -12.21 7.63
C TRP A 362 -7.55 -12.40 8.22
N LEU A 363 -8.34 -11.31 8.39
CA LEU A 363 -9.67 -11.41 8.94
C LEU A 363 -10.63 -12.21 8.03
N ALA A 364 -10.62 -11.94 6.73
CA ALA A 364 -11.43 -12.66 5.73
C ALA A 364 -11.07 -14.15 5.71
N TYR A 365 -9.79 -14.49 5.93
CA TYR A 365 -9.38 -15.88 5.91
C TYR A 365 -9.93 -16.59 7.15
N GLN A 366 -9.90 -15.92 8.33
CA GLN A 366 -10.43 -16.52 9.57
C GLN A 366 -11.89 -16.90 9.40
N VAL A 367 -12.68 -15.97 8.87
CA VAL A 367 -14.11 -16.16 8.63
C VAL A 367 -14.43 -17.19 7.54
N ALA A 368 -13.71 -17.16 6.42
CA ALA A 368 -13.99 -18.07 5.31
C ALA A 368 -13.56 -19.52 5.61
N SER A 369 -12.37 -19.70 6.24
CA SER A 369 -11.90 -21.03 6.61
C SER A 369 -12.74 -21.69 7.75
N ALA A 370 -13.58 -20.91 8.45
CA ALA A 370 -14.47 -21.41 9.49
C ALA A 370 -15.83 -21.92 8.96
N GLY A 371 -16.03 -21.92 7.65
CA GLY A 371 -17.28 -22.35 7.05
C GLY A 371 -18.42 -21.31 7.07
N ILE A 372 -18.10 -20.07 7.45
CA ILE A 372 -19.11 -19.01 7.52
C ILE A 372 -19.33 -18.37 6.15
N THR A 373 -20.60 -18.23 5.70
CA THR A 373 -21.00 -17.62 4.45
C THR A 373 -20.89 -16.09 4.56
N TYR A 374 -20.77 -15.41 3.42
CA TYR A 374 -20.51 -13.97 3.38
C TYR A 374 -21.47 -13.12 4.20
N THR A 375 -22.78 -13.38 4.10
CA THR A 375 -23.81 -12.54 4.72
C THR A 375 -24.06 -12.83 6.20
N ASP A 376 -23.49 -13.92 6.73
CA ASP A 376 -23.67 -14.34 8.10
C ASP A 376 -22.70 -13.57 9.02
N ARG A 377 -23.24 -12.64 9.80
CA ARG A 377 -22.48 -11.75 10.68
C ARG A 377 -22.54 -12.12 12.15
N ARG A 378 -22.99 -13.35 12.49
CA ARG A 378 -23.09 -13.76 13.88
C ARG A 378 -21.75 -13.72 14.60
N TRP A 379 -20.66 -14.03 13.90
CA TRP A 379 -19.29 -13.97 14.40
C TRP A 379 -18.89 -12.56 14.87
N CYS A 380 -19.51 -11.48 14.33
CA CYS A 380 -19.16 -10.10 14.79
C CYS A 380 -19.61 -9.86 16.25
N PHE A 381 -20.34 -10.80 16.88
CA PHE A 381 -20.90 -10.57 18.20
C PHE A 381 -20.62 -11.68 19.22
N ASP A 382 -20.21 -12.86 18.77
CA ASP A 382 -20.02 -13.99 19.66
C ASP A 382 -18.58 -14.24 20.11
N GLY A 383 -17.74 -13.22 20.10
CA GLY A 383 -16.37 -13.37 20.57
C GLY A 383 -16.28 -13.30 22.09
N THR A 384 -15.07 -13.37 22.65
CA THR A 384 -14.85 -13.25 24.09
C THR A 384 -14.94 -11.77 24.51
N THR A 385 -15.14 -11.51 25.81
CA THR A 385 -15.26 -10.16 26.37
C THR A 385 -14.04 -9.26 26.11
N ASN A 386 -12.82 -9.83 26.02
CA ASN A 386 -11.64 -9.00 25.73
C ASN A 386 -11.55 -8.58 24.24
N ASN A 387 -12.43 -9.14 23.38
CA ASN A 387 -12.56 -8.79 21.97
C ASN A 387 -13.58 -7.66 21.75
N THR A 388 -14.08 -7.03 22.82
CA THR A 388 -15.01 -5.93 22.75
C THR A 388 -14.30 -4.75 22.11
N ILE A 389 -14.89 -4.15 21.08
CA ILE A 389 -14.30 -2.98 20.44
C ILE A 389 -14.78 -1.74 21.19
N MET A 390 -13.86 -0.83 21.53
CA MET A 390 -14.19 0.40 22.23
C MET A 390 -14.17 1.64 21.34
N GLU A 391 -15.12 2.53 21.54
CA GLU A 391 -15.20 3.80 20.82
CA GLU A 391 -15.24 3.78 20.80
C GLU A 391 -15.60 4.86 21.82
N ASP A 392 -14.81 5.95 21.94
CA ASP A 392 -15.05 7.03 22.92
C ASP A 392 -15.05 6.43 24.36
N SER A 393 -14.15 5.47 24.62
CA SER A 393 -14.02 4.79 25.91
C SER A 393 -15.27 4.00 26.33
N VAL A 394 -16.21 3.77 25.42
CA VAL A 394 -17.43 2.99 25.70
C VAL A 394 -17.58 1.91 24.62
N PRO A 395 -17.99 0.67 24.96
CA PRO A 395 -18.12 -0.37 23.92
C PRO A 395 -18.92 0.06 22.69
N ALA A 396 -18.39 -0.21 21.49
CA ALA A 396 -19.06 0.15 20.23
C ALA A 396 -20.32 -0.69 20.06
N GLU A 397 -21.43 -0.04 19.70
CA GLU A 397 -22.69 -0.72 19.55
C GLU A 397 -23.33 -0.57 18.18
N VAL A 398 -23.92 -1.65 17.66
CA VAL A 398 -24.60 -1.62 16.38
C VAL A 398 -26.01 -2.22 16.46
N TRP A 399 -26.85 -1.94 15.45
CA TRP A 399 -28.15 -2.58 15.36
C TRP A 399 -27.94 -3.66 14.33
N THR A 400 -28.15 -4.90 14.71
CA THR A 400 -27.96 -6.03 13.80
C THR A 400 -29.00 -6.06 12.67
N LYS A 401 -28.78 -6.92 11.64
CA LYS A 401 -29.76 -7.07 10.56
C LYS A 401 -31.12 -7.58 11.07
N TYR A 402 -31.17 -8.06 12.34
CA TYR A 402 -32.39 -8.52 13.01
C TYR A 402 -33.14 -7.41 13.77
N GLY A 403 -32.57 -6.20 13.81
CA GLY A 403 -33.14 -5.04 14.50
C GLY A 403 -32.86 -5.03 15.98
N GLU A 404 -31.80 -5.74 16.42
CA GLU A 404 -31.44 -5.85 17.83
C GLU A 404 -30.15 -5.07 18.11
N LYS A 405 -30.07 -4.34 19.24
CA LYS A 405 -28.86 -3.55 19.56
C LYS A 405 -27.81 -4.41 20.30
N ARG A 406 -26.63 -4.61 19.69
CA ARG A 406 -25.59 -5.47 20.25
C ARG A 406 -24.21 -4.79 20.38
N VAL A 407 -23.37 -5.32 21.27
CA VAL A 407 -22.02 -4.82 21.43
C VAL A 407 -21.12 -5.53 20.43
N LEU A 408 -20.25 -4.75 19.77
CA LEU A 408 -19.30 -5.27 18.81
C LEU A 408 -18.19 -6.06 19.53
N LYS A 409 -18.22 -7.37 19.37
CA LYS A 409 -17.30 -8.25 20.04
C LYS A 409 -16.93 -9.39 19.06
N PRO A 410 -16.14 -9.12 18.00
CA PRO A 410 -15.89 -10.17 16.98
C PRO A 410 -15.16 -11.42 17.47
N ARG A 411 -15.52 -12.58 16.91
CA ARG A 411 -14.88 -13.88 17.23
C ARG A 411 -13.37 -13.80 16.94
N TRP A 412 -12.98 -13.11 15.86
CA TRP A 412 -11.58 -12.87 15.53
C TRP A 412 -11.34 -11.39 15.62
N MET A 413 -10.31 -10.99 16.35
CA MET A 413 -10.00 -9.59 16.54
C MET A 413 -8.80 -9.12 15.69
N ASP A 414 -9.05 -8.17 14.77
CA ASP A 414 -8.03 -7.60 13.91
C ASP A 414 -8.02 -6.10 14.20
N ALA A 415 -6.97 -5.58 14.81
CA ALA A 415 -6.83 -4.18 15.20
C ALA A 415 -7.09 -3.17 14.11
N ARG A 416 -6.94 -3.56 12.84
CA ARG A 416 -7.13 -2.69 11.69
C ARG A 416 -8.58 -2.33 11.41
N VAL A 417 -9.56 -3.13 11.90
CA VAL A 417 -10.97 -2.79 11.67
C VAL A 417 -11.48 -1.69 12.63
N CYS A 418 -10.65 -1.21 13.56
CA CYS A 418 -11.00 -0.17 14.51
C CYS A 418 -9.78 0.69 14.86
N SER A 419 -8.84 0.86 13.92
CA SER A 419 -7.64 1.63 14.19
C SER A 419 -7.94 3.13 14.28
N ASP A 420 -8.83 3.61 13.41
CA ASP A 420 -9.26 5.02 13.39
C ASP A 420 -10.82 5.10 13.39
N HIS A 421 -11.42 6.32 13.43
CA HIS A 421 -12.88 6.47 13.43
C HIS A 421 -13.52 5.92 12.14
N ALA A 422 -12.87 6.19 11.00
CA ALA A 422 -13.33 5.76 9.69
C ALA A 422 -13.34 4.21 9.56
N ALA A 423 -12.29 3.54 10.05
CA ALA A 423 -12.22 2.09 9.97
C ALA A 423 -13.35 1.45 10.78
N LEU A 424 -13.55 1.87 12.04
CA LEU A 424 -14.60 1.33 12.90
C LEU A 424 -15.99 1.64 12.34
N LYS A 425 -16.15 2.78 11.65
CA LYS A 425 -17.43 3.13 11.03
C LYS A 425 -17.81 2.10 9.97
N SER A 426 -16.87 1.73 9.10
CA SER A 426 -17.03 0.75 8.03
C SER A 426 -17.26 -0.66 8.60
N PHE A 427 -16.59 -1.00 9.70
CA PHE A 427 -16.75 -2.30 10.33
C PHE A 427 -18.10 -2.42 11.04
N LYS A 428 -18.61 -1.31 11.58
CA LYS A 428 -19.93 -1.28 12.21
C LYS A 428 -20.98 -1.54 11.12
N GLU A 429 -20.83 -0.90 9.94
CA GLU A 429 -21.69 -1.13 8.78
C GLU A 429 -21.64 -2.62 8.33
N PHE A 430 -20.45 -3.23 8.35
CA PHE A 430 -20.29 -4.64 8.00
C PHE A 430 -21.06 -5.52 9.00
N ALA A 431 -20.78 -5.38 10.30
CA ALA A 431 -21.43 -6.16 11.38
C ALA A 431 -22.95 -5.98 11.38
N ALA A 432 -23.44 -4.84 10.84
CA ALA A 432 -24.88 -4.53 10.75
C ALA A 432 -25.57 -5.16 9.52
N GLY A 433 -24.80 -5.76 8.62
CA GLY A 433 -25.34 -6.32 7.38
C GLY A 433 -25.57 -5.26 6.32
N LYS A 434 -24.86 -4.11 6.39
CA LYS A 434 -24.99 -3.00 5.43
C LYS A 434 -24.26 -3.20 4.10
N ARG A 435 -23.39 -4.20 4.03
CA ARG A 435 -22.75 -4.54 2.76
C ARG A 435 -22.41 -6.02 2.70
C1 EDO B . -3.81 1.36 -2.69
O1 EDO B . -3.91 1.19 -1.28
C2 EDO B . -3.98 2.82 -3.02
O2 EDO B . -5.19 3.30 -2.49
P PO4 C . 10.90 8.52 -10.66
O1 PO4 C . 9.55 7.83 -10.83
O2 PO4 C . 11.99 7.77 -11.46
O3 PO4 C . 11.30 8.52 -9.17
O4 PO4 C . 10.83 9.98 -11.15
C4 ZVH D . -6.45 -7.34 -1.27
C5 ZVH D . -6.14 -8.58 -1.77
C6 ZVH D . -6.75 -7.02 -3.53
C7 ZVH D . -6.90 -6.47 -2.30
C8 ZVH D . -7.55 -6.39 0.86
C10 ZVH D . -5.68 -5.41 1.94
O1 ZVH D . -3.29 -5.51 -0.56
C1 ZVH D . -4.46 -5.32 -0.32
C2 ZVH D . -5.12 -6.20 0.73
C3 ZVH D . -6.34 -7.04 0.20
S1 ZVH D . -6.24 -8.62 -3.46
C9 ZVH D . -7.02 -6.07 2.25
O2 ZVH D . -5.13 -4.45 -0.87
#